data_6XYH
#
_entry.id   6XYH
#
_cell.length_a   1.000
_cell.length_b   1.000
_cell.length_c   1.000
_cell.angle_alpha   90.00
_cell.angle_beta   90.00
_cell.angle_gamma   90.00
#
_symmetry.space_group_name_H-M   'P 1'
#
_entity_poly.entity_id   1
_entity_poly.type   'polypeptide(L)'
_entity_poly.pdbx_seq_one_letter_code
;GCKNLNSHCYRQHRECCHGLVCRRPNYGNGRGILWKCVRA
;
_entity_poly.pdbx_strand_id   A
#
# COMPACT_ATOMS: atom_id res chain seq x y z
N GLY A 1 0.16 -12.73 9.50
CA GLY A 1 1.31 -12.56 8.63
C GLY A 1 1.33 -11.21 7.93
N CYS A 2 2.51 -10.65 7.75
CA CYS A 2 2.66 -9.36 7.09
C CYS A 2 2.12 -9.40 5.67
N LYS A 3 1.64 -8.26 5.18
CA LYS A 3 1.09 -8.17 3.83
C LYS A 3 2.21 -8.11 2.80
N ASN A 4 1.96 -8.67 1.62
CA ASN A 4 2.94 -8.68 0.54
C ASN A 4 2.91 -7.37 -0.23
N LEU A 5 3.68 -7.30 -1.31
CA LEU A 5 3.74 -6.11 -2.14
C LEU A 5 2.40 -5.85 -2.82
N ASN A 6 2.13 -4.58 -3.13
CA ASN A 6 0.89 -4.20 -3.80
C ASN A 6 -0.32 -4.64 -2.98
N SER A 7 -0.11 -4.84 -1.69
CA SER A 7 -1.18 -5.27 -0.79
C SER A 7 -2.08 -4.10 -0.42
N HIS A 8 -3.38 -4.26 -0.64
CA HIS A 8 -4.34 -3.22 -0.33
C HIS A 8 -4.30 -2.87 1.16
N CYS A 9 -3.74 -1.71 1.47
CA CYS A 9 -3.63 -1.25 2.85
C CYS A 9 -4.07 0.20 2.98
N TYR A 10 -4.39 0.61 4.20
CA TYR A 10 -4.82 1.98 4.46
C TYR A 10 -3.65 2.84 4.93
N ARG A 11 -3.75 4.14 4.68
CA ARG A 11 -2.70 5.08 5.08
C ARG A 11 -2.64 5.19 6.60
N GLN A 12 -3.59 4.58 7.28
CA GLN A 12 -3.64 4.61 8.74
C GLN A 12 -2.60 3.67 9.35
N HIS A 13 -2.74 2.38 9.07
CA HIS A 13 -1.82 1.39 9.58
C HIS A 13 -0.73 1.07 8.55
N ARG A 14 0.03 0.01 8.82
CA ARG A 14 1.10 -0.40 7.92
C ARG A 14 1.64 -1.77 8.30
N GLU A 15 0.84 -2.81 8.07
CA GLU A 15 1.24 -4.18 8.39
C GLU A 15 1.98 -4.81 7.22
N CYS A 16 2.67 -3.99 6.45
CA CYS A 16 3.42 -4.48 5.29
C CYS A 16 4.69 -5.20 5.74
N CYS A 17 5.07 -6.23 4.99
CA CYS A 17 6.27 -7.00 5.31
C CYS A 17 7.49 -6.10 5.40
N HIS A 18 8.58 -6.64 5.91
CA HIS A 18 9.83 -5.88 6.05
C HIS A 18 10.38 -5.47 4.69
N GLY A 19 10.42 -4.17 4.43
CA GLY A 19 10.92 -3.68 3.16
C GLY A 19 9.88 -2.91 2.39
N LEU A 20 8.61 -3.16 2.68
CA LEU A 20 7.51 -2.49 2.00
C LEU A 20 6.92 -1.39 2.88
N VAL A 21 6.21 -0.46 2.26
CA VAL A 21 5.59 0.64 2.98
C VAL A 21 4.25 1.03 2.36
N CYS A 22 3.32 1.45 3.20
CA CYS A 22 1.99 1.85 2.74
C CYS A 22 2.04 3.21 2.05
N ARG A 23 1.87 3.21 0.73
CA ARG A 23 1.91 4.44 -0.04
C ARG A 23 0.91 4.38 -1.19
N ARG A 24 0.36 5.54 -1.56
CA ARG A 24 -0.61 5.62 -2.64
C ARG A 24 0.07 5.49 -3.99
N PRO A 25 -0.68 5.02 -5.00
CA PRO A 25 -0.17 4.85 -6.36
C PRO A 25 0.11 6.17 -7.06
N ASN A 26 0.78 6.11 -8.20
CA ASN A 26 1.10 7.31 -8.96
C ASN A 26 -0.13 7.86 -9.67
N TYR A 27 -0.76 7.02 -10.49
CA TYR A 27 -1.95 7.41 -11.23
C TYR A 27 -2.82 6.20 -11.56
N GLY A 28 -4.08 6.25 -11.16
CA GLY A 28 -4.99 5.16 -11.42
C GLY A 28 -6.30 5.63 -12.04
N ASN A 29 -7.21 6.12 -11.20
CA ASN A 29 -8.50 6.60 -11.68
C ASN A 29 -9.10 7.60 -10.69
N GLY A 30 -10.30 8.08 -11.00
CA GLY A 30 -10.96 9.04 -10.13
C GLY A 30 -11.25 8.47 -8.76
N ARG A 31 -12.37 7.76 -8.64
CA ARG A 31 -12.77 7.16 -7.37
C ARG A 31 -12.03 5.85 -7.14
N GLY A 32 -11.26 5.79 -6.06
CA GLY A 32 -10.51 4.59 -5.75
C GLY A 32 -9.11 4.89 -5.25
N ILE A 33 -9.00 5.78 -4.27
CA ILE A 33 -7.72 6.16 -3.72
C ILE A 33 -7.26 5.15 -2.65
N LEU A 34 -6.96 3.93 -3.08
CA LEU A 34 -6.52 2.89 -2.16
C LEU A 34 -4.99 2.81 -2.12
N TRP A 35 -4.44 2.74 -0.91
CA TRP A 35 -3.00 2.65 -0.74
C TRP A 35 -2.53 1.21 -0.78
N LYS A 36 -1.34 1.00 -1.34
CA LYS A 36 -0.77 -0.34 -1.44
C LYS A 36 0.66 -0.38 -0.90
N CYS A 37 1.10 -1.55 -0.47
CA CYS A 37 2.45 -1.71 0.06
C CYS A 37 3.49 -1.68 -1.05
N VAL A 38 4.27 -0.60 -1.11
CA VAL A 38 5.30 -0.45 -2.13
C VAL A 38 6.68 -0.75 -1.55
N ARG A 39 7.61 -1.12 -2.44
CA ARG A 39 8.96 -1.44 -2.03
C ARG A 39 9.74 -0.17 -1.69
N ALA A 40 9.76 0.19 -0.41
CA ALA A 40 10.48 1.37 0.04
C ALA A 40 11.97 1.26 -0.24
N GLY A 1 0.88 -12.86 9.84
CA GLY A 1 2.13 -12.53 9.19
C GLY A 1 2.17 -11.10 8.70
N CYS A 2 2.79 -10.89 7.54
CA CYS A 2 2.90 -9.56 6.96
C CYS A 2 2.25 -9.51 5.58
N LYS A 3 1.96 -8.31 5.12
CA LYS A 3 1.34 -8.12 3.80
C LYS A 3 2.40 -8.05 2.71
N ASN A 4 2.11 -8.67 1.56
CA ASN A 4 3.04 -8.68 0.44
C ASN A 4 2.98 -7.35 -0.32
N LEU A 5 3.68 -7.30 -1.44
CA LEU A 5 3.71 -6.09 -2.26
C LEU A 5 2.34 -5.82 -2.87
N ASN A 6 2.07 -4.54 -3.16
CA ASN A 6 0.80 -4.14 -3.74
C ASN A 6 -0.37 -4.61 -2.88
N SER A 7 -0.10 -4.84 -1.59
CA SER A 7 -1.13 -5.30 -0.67
C SER A 7 -2.03 -4.15 -0.24
N HIS A 8 -3.33 -4.33 -0.41
CA HIS A 8 -4.30 -3.31 -0.04
C HIS A 8 -4.15 -2.92 1.43
N CYS A 9 -3.66 -1.71 1.67
CA CYS A 9 -3.47 -1.23 3.03
C CYS A 9 -3.78 0.28 3.12
N TYR A 10 -4.42 0.67 4.21
CA TYR A 10 -4.76 2.08 4.42
C TYR A 10 -3.62 2.83 5.09
N ARG A 11 -3.57 4.14 4.87
CA ARG A 11 -2.53 4.97 5.45
C ARG A 11 -2.68 5.05 6.97
N GLN A 12 -3.78 4.50 7.48
CA GLN A 12 -4.05 4.52 8.91
C GLN A 12 -3.16 3.51 9.64
N HIS A 13 -3.33 2.23 9.30
CA HIS A 13 -2.54 1.17 9.92
C HIS A 13 -1.29 0.86 9.10
N ARG A 14 -0.63 -0.24 9.43
CA ARG A 14 0.59 -0.64 8.73
C ARG A 14 1.06 -2.01 9.20
N GLU A 15 1.20 -2.94 8.25
CA GLU A 15 1.64 -4.29 8.57
C GLU A 15 2.31 -4.94 7.36
N CYS A 16 2.91 -4.12 6.50
CA CYS A 16 3.58 -4.60 5.31
C CYS A 16 4.88 -5.35 5.67
N CYS A 17 5.22 -6.35 4.88
CA CYS A 17 6.43 -7.13 5.12
C CYS A 17 7.65 -6.22 5.20
N HIS A 18 8.77 -6.79 5.65
CA HIS A 18 10.01 -6.03 5.77
C HIS A 18 10.50 -5.57 4.40
N GLY A 19 10.52 -4.27 4.19
CA GLY A 19 10.98 -3.73 2.92
C GLY A 19 9.89 -2.95 2.20
N LEU A 20 8.65 -3.25 2.52
CA LEU A 20 7.51 -2.56 1.90
C LEU A 20 6.92 -1.51 2.83
N VAL A 21 6.18 -0.57 2.27
CA VAL A 21 5.56 0.49 3.05
C VAL A 21 4.20 0.89 2.47
N CYS A 22 3.28 1.29 3.33
CA CYS A 22 1.95 1.69 2.91
C CYS A 22 1.99 3.05 2.24
N ARG A 23 1.83 3.06 0.92
CA ARG A 23 1.85 4.30 0.15
C ARG A 23 0.90 4.22 -1.04
N ARG A 24 0.50 5.38 -1.55
CA ARG A 24 -0.42 5.43 -2.69
C ARG A 24 0.33 5.19 -4.00
N PRO A 25 -0.40 4.69 -5.01
CA PRO A 25 0.18 4.41 -6.32
C PRO A 25 0.54 5.68 -7.09
N ASN A 26 0.89 5.52 -8.36
CA ASN A 26 1.26 6.66 -9.20
C ASN A 26 0.04 7.47 -9.59
N TYR A 27 -0.86 6.85 -10.34
CA TYR A 27 -2.08 7.51 -10.79
C TYR A 27 -3.13 6.49 -11.21
N GLY A 28 -4.41 6.84 -11.01
CA GLY A 28 -5.49 5.94 -11.38
C GLY A 28 -6.74 6.69 -11.79
N ASN A 29 -7.39 6.20 -12.85
CA ASN A 29 -8.61 6.83 -13.35
C ASN A 29 -9.80 6.46 -12.48
N GLY A 30 -10.55 7.47 -12.04
CA GLY A 30 -11.71 7.24 -11.21
C GLY A 30 -11.50 7.64 -9.77
N ARG A 31 -12.58 7.98 -9.09
CA ARG A 31 -12.51 8.40 -7.69
C ARG A 31 -12.26 7.20 -6.78
N GLY A 32 -11.22 7.30 -5.95
CA GLY A 32 -10.90 6.22 -5.03
C GLY A 32 -9.40 5.97 -4.93
N ILE A 33 -8.76 6.73 -4.06
CA ILE A 33 -7.31 6.60 -3.86
C ILE A 33 -7.00 5.50 -2.86
N LEU A 34 -6.68 4.31 -3.37
CA LEU A 34 -6.35 3.17 -2.53
C LEU A 34 -4.83 3.06 -2.34
N TRP A 35 -4.42 2.86 -1.10
CA TRP A 35 -2.99 2.72 -0.78
C TRP A 35 -2.59 1.25 -0.73
N LYS A 36 -1.37 0.96 -1.17
CA LYS A 36 -0.86 -0.40 -1.17
C LYS A 36 0.58 -0.45 -0.68
N CYS A 37 1.06 -1.63 -0.34
CA CYS A 37 2.41 -1.81 0.14
C CYS A 37 3.42 -1.72 -1.00
N VAL A 38 4.17 -0.63 -1.04
CA VAL A 38 5.17 -0.41 -2.08
C VAL A 38 6.57 -0.68 -1.56
N ARG A 39 7.49 -1.00 -2.47
CA ARG A 39 8.86 -1.28 -2.10
C ARG A 39 9.60 0.01 -1.73
N ALA A 40 9.64 0.31 -0.44
CA ALA A 40 10.31 1.51 0.04
C ALA A 40 11.81 1.48 -0.27
N GLY A 1 0.72 -13.09 9.15
CA GLY A 1 2.03 -12.50 8.93
C GLY A 1 1.96 -11.16 8.22
N CYS A 2 3.11 -10.56 7.97
CA CYS A 2 3.17 -9.27 7.30
C CYS A 2 2.39 -9.31 5.99
N LYS A 3 2.17 -8.13 5.41
CA LYS A 3 1.43 -8.03 4.15
C LYS A 3 2.39 -8.00 2.97
N ASN A 4 2.00 -8.65 1.88
CA ASN A 4 2.82 -8.69 0.67
C ASN A 4 2.69 -7.39 -0.12
N LEU A 5 3.29 -7.37 -1.31
CA LEU A 5 3.25 -6.20 -2.17
C LEU A 5 1.82 -5.93 -2.66
N ASN A 6 1.52 -4.68 -2.96
CA ASN A 6 0.20 -4.29 -3.44
C ASN A 6 -0.89 -4.74 -2.47
N SER A 7 -0.50 -4.92 -1.21
CA SER A 7 -1.43 -5.35 -0.17
C SER A 7 -2.28 -4.17 0.30
N HIS A 8 -3.61 -4.34 0.27
CA HIS A 8 -4.53 -3.31 0.70
C HIS A 8 -4.19 -2.83 2.11
N CYS A 9 -3.62 -1.63 2.21
CA CYS A 9 -3.25 -1.07 3.50
C CYS A 9 -3.44 0.45 3.50
N TYR A 10 -4.27 0.93 4.42
CA TYR A 10 -4.54 2.36 4.52
C TYR A 10 -3.40 3.08 5.22
N ARG A 11 -3.35 4.40 5.07
CA ARG A 11 -2.31 5.21 5.68
C ARG A 11 -2.43 5.21 7.20
N GLN A 12 -3.53 4.66 7.70
CA GLN A 12 -3.78 4.60 9.13
C GLN A 12 -2.91 3.53 9.78
N HIS A 13 -3.11 2.28 9.38
CA HIS A 13 -2.34 1.17 9.93
C HIS A 13 -1.11 0.87 9.07
N ARG A 14 -0.27 -0.03 9.55
CA ARG A 14 0.94 -0.39 8.82
C ARG A 14 1.47 -1.74 9.29
N GLU A 15 1.57 -2.70 8.38
CA GLU A 15 2.06 -4.03 8.70
C GLU A 15 2.63 -4.71 7.46
N CYS A 16 3.16 -3.91 6.54
CA CYS A 16 3.74 -4.45 5.31
C CYS A 16 5.05 -5.16 5.60
N CYS A 17 5.33 -6.22 4.83
CA CYS A 17 6.55 -6.99 5.00
C CYS A 17 7.77 -6.09 4.94
N HIS A 18 8.92 -6.65 5.33
CA HIS A 18 10.17 -5.89 5.34
C HIS A 18 10.56 -5.49 3.91
N GLY A 19 10.58 -4.19 3.65
CA GLY A 19 10.93 -3.70 2.33
C GLY A 19 9.80 -2.95 1.67
N LEU A 20 8.56 -3.23 2.09
CA LEU A 20 7.39 -2.57 1.53
C LEU A 20 6.87 -1.49 2.47
N VAL A 21 6.08 -0.57 1.92
CA VAL A 21 5.51 0.52 2.72
C VAL A 21 4.11 0.87 2.23
N CYS A 22 3.24 1.23 3.16
CA CYS A 22 1.87 1.60 2.83
C CYS A 22 1.82 2.99 2.19
N ARG A 23 1.61 3.02 0.88
CA ARG A 23 1.55 4.27 0.15
C ARG A 23 0.55 4.18 -1.01
N ARG A 24 0.15 5.33 -1.53
CA ARG A 24 -0.80 5.37 -2.65
C ARG A 24 -0.08 5.14 -3.97
N PRO A 25 -0.83 4.64 -4.96
CA PRO A 25 -0.29 4.37 -6.30
C PRO A 25 0.04 5.64 -7.07
N ASN A 26 -0.91 6.57 -7.10
CA ASN A 26 -0.71 7.84 -7.80
C ASN A 26 -0.53 7.60 -9.29
N TYR A 27 -1.24 6.61 -9.83
CA TYR A 27 -1.16 6.29 -11.24
C TYR A 27 -1.99 7.26 -12.07
N GLY A 28 -3.10 7.73 -11.50
CA GLY A 28 -3.96 8.67 -12.19
C GLY A 28 -5.39 8.17 -12.30
N ASN A 29 -5.78 7.32 -11.36
CA ASN A 29 -7.13 6.77 -11.35
C ASN A 29 -8.10 7.70 -10.64
N GLY A 30 -9.11 8.18 -11.37
CA GLY A 30 -10.09 9.08 -10.79
C GLY A 30 -11.30 8.35 -10.25
N ARG A 31 -11.10 7.10 -9.83
CA ARG A 31 -12.18 6.29 -9.30
C ARG A 31 -11.63 5.05 -8.58
N GLY A 32 -10.94 5.27 -7.47
CA GLY A 32 -10.39 4.17 -6.71
C GLY A 32 -9.26 4.60 -5.80
N ILE A 33 -9.60 5.32 -4.73
CA ILE A 33 -8.61 5.79 -3.78
C ILE A 33 -8.29 4.73 -2.73
N LEU A 34 -7.22 3.99 -2.96
CA LEU A 34 -6.81 2.93 -2.04
C LEU A 34 -5.28 2.84 -1.96
N TRP A 35 -4.77 2.67 -0.75
CA TRP A 35 -3.33 2.57 -0.55
C TRP A 35 -2.89 1.11 -0.47
N LYS A 36 -1.72 0.82 -1.02
CA LYS A 36 -1.19 -0.54 -1.02
C LYS A 36 0.29 -0.54 -0.64
N CYS A 37 0.79 -1.72 -0.25
CA CYS A 37 2.19 -1.85 0.14
C CYS A 37 3.10 -1.82 -1.07
N VAL A 38 3.85 -0.73 -1.22
CA VAL A 38 4.76 -0.57 -2.34
C VAL A 38 6.20 -0.82 -1.92
N ARG A 39 7.04 -1.19 -2.88
CA ARG A 39 8.44 -1.46 -2.61
C ARG A 39 9.22 -0.17 -2.35
N ALA A 40 9.35 0.19 -1.07
CA ALA A 40 10.07 1.40 -0.70
C ALA A 40 11.53 1.34 -1.12
N GLY A 1 1.24 -11.93 11.00
CA GLY A 1 1.56 -12.05 9.59
C GLY A 1 1.56 -10.71 8.89
N CYS A 2 2.48 -10.53 7.95
CA CYS A 2 2.58 -9.28 7.20
C CYS A 2 2.06 -9.46 5.77
N LYS A 3 1.72 -8.35 5.13
CA LYS A 3 1.21 -8.38 3.77
C LYS A 3 2.35 -8.28 2.76
N ASN A 4 2.13 -8.82 1.56
CA ASN A 4 3.13 -8.80 0.51
C ASN A 4 3.08 -7.49 -0.26
N LEU A 5 3.81 -7.43 -1.36
CA LEU A 5 3.85 -6.23 -2.20
C LEU A 5 2.50 -5.98 -2.86
N ASN A 6 2.23 -4.72 -3.20
CA ASN A 6 0.98 -4.35 -3.84
C ASN A 6 -0.21 -4.78 -2.99
N SER A 7 0.03 -4.96 -1.69
CA SER A 7 -1.03 -5.37 -0.78
C SER A 7 -1.91 -4.19 -0.39
N HIS A 8 -3.23 -4.39 -0.49
CA HIS A 8 -4.19 -3.34 -0.16
C HIS A 8 -4.07 -2.96 1.32
N CYS A 9 -3.64 -1.74 1.58
CA CYS A 9 -3.49 -1.24 2.93
C CYS A 9 -3.97 0.20 3.06
N TYR A 10 -4.58 0.52 4.19
CA TYR A 10 -5.09 1.86 4.43
C TYR A 10 -3.97 2.82 4.82
N ARG A 11 -4.17 4.10 4.55
CA ARG A 11 -3.17 5.11 4.87
C ARG A 11 -3.03 5.28 6.39
N GLN A 12 -3.90 4.60 7.14
CA GLN A 12 -3.88 4.68 8.59
C GLN A 12 -2.82 3.73 9.15
N HIS A 13 -3.00 2.44 8.92
CA HIS A 13 -2.06 1.44 9.41
C HIS A 13 -1.05 1.07 8.33
N ARG A 14 -0.30 -0.01 8.58
CA ARG A 14 0.71 -0.46 7.63
C ARG A 14 1.31 -1.80 8.07
N GLU A 15 0.56 -2.87 7.84
CA GLU A 15 1.02 -4.21 8.22
C GLU A 15 1.82 -4.85 7.09
N CYS A 16 2.51 -4.01 6.32
CA CYS A 16 3.32 -4.49 5.20
C CYS A 16 4.59 -5.17 5.71
N CYS A 17 5.01 -6.22 5.02
CA CYS A 17 6.20 -6.97 5.39
C CYS A 17 7.41 -6.03 5.47
N HIS A 18 8.51 -6.55 6.01
CA HIS A 18 9.74 -5.77 6.13
C HIS A 18 10.30 -5.39 4.76
N GLY A 19 10.37 -4.09 4.50
CA GLY A 19 10.88 -3.62 3.23
C GLY A 19 9.84 -2.88 2.42
N LEU A 20 8.57 -3.14 2.71
CA LEU A 20 7.47 -2.48 2.00
C LEU A 20 6.87 -1.37 2.85
N VAL A 21 6.16 -0.46 2.19
CA VAL A 21 5.54 0.66 2.88
C VAL A 21 4.23 1.06 2.21
N CYS A 22 3.30 1.58 3.00
CA CYS A 22 2.00 1.99 2.49
C CYS A 22 2.12 3.28 1.68
N ARG A 23 1.92 3.18 0.37
CA ARG A 23 2.00 4.34 -0.51
C ARG A 23 0.99 4.24 -1.65
N ARG A 24 0.57 5.39 -2.17
CA ARG A 24 -0.39 5.42 -3.27
C ARG A 24 0.30 5.17 -4.61
N PRO A 25 -0.48 4.68 -5.58
CA PRO A 25 0.03 4.37 -6.92
C PRO A 25 0.37 5.64 -7.71
N ASN A 26 0.85 5.47 -8.93
CA ASN A 26 1.21 6.60 -9.78
C ASN A 26 -0.02 7.12 -10.53
N TYR A 27 -0.53 6.32 -11.45
CA TYR A 27 -1.70 6.71 -12.24
C TYR A 27 -2.99 6.39 -11.49
N GLY A 28 -4.02 7.21 -11.72
CA GLY A 28 -5.29 6.99 -11.05
C GLY A 28 -6.07 8.29 -10.86
N ASN A 29 -6.19 8.72 -9.61
CA ASN A 29 -6.91 9.95 -9.29
C ASN A 29 -8.38 9.83 -9.67
N GLY A 30 -8.95 8.65 -9.45
CA GLY A 30 -10.34 8.42 -9.78
C GLY A 30 -11.09 7.75 -8.65
N ARG A 31 -12.04 6.88 -9.00
CA ARG A 31 -12.84 6.18 -8.01
C ARG A 31 -12.07 4.99 -7.44
N GLY A 32 -11.88 4.99 -6.13
CA GLY A 32 -11.17 3.90 -5.49
C GLY A 32 -9.88 4.37 -4.84
N ILE A 33 -9.99 5.11 -3.74
CA ILE A 33 -8.83 5.61 -3.04
C ILE A 33 -8.28 4.57 -2.07
N LEU A 34 -7.25 3.85 -2.49
CA LEU A 34 -6.63 2.83 -1.65
C LEU A 34 -5.13 2.78 -1.88
N TRP A 35 -4.37 2.65 -0.79
CA TRP A 35 -2.92 2.59 -0.87
C TRP A 35 -2.44 1.14 -0.86
N LYS A 36 -1.33 0.88 -1.55
CA LYS A 36 -0.76 -0.46 -1.61
C LYS A 36 0.66 -0.47 -1.05
N CYS A 37 1.11 -1.64 -0.63
CA CYS A 37 2.45 -1.80 -0.06
C CYS A 37 3.50 -1.77 -1.17
N VAL A 38 4.26 -0.68 -1.23
CA VAL A 38 5.31 -0.51 -2.23
C VAL A 38 6.68 -0.79 -1.63
N ARG A 39 7.62 -1.16 -2.49
CA ARG A 39 8.98 -1.45 -2.06
C ARG A 39 9.74 -0.17 -1.71
N ALA A 40 9.74 0.18 -0.43
CA ALA A 40 10.42 1.38 0.03
C ALA A 40 11.93 1.29 -0.22
N GLY A 1 0.21 -12.57 9.74
CA GLY A 1 1.36 -12.42 8.87
C GLY A 1 1.33 -11.12 8.07
N CYS A 2 2.49 -10.48 7.96
CA CYS A 2 2.59 -9.22 7.23
C CYS A 2 2.06 -9.38 5.81
N LYS A 3 1.81 -8.25 5.14
CA LYS A 3 1.30 -8.27 3.79
C LYS A 3 2.45 -8.15 2.78
N ASN A 4 2.25 -8.74 1.60
CA ASN A 4 3.27 -8.71 0.55
C ASN A 4 3.20 -7.40 -0.22
N LEU A 5 3.90 -7.34 -1.35
CA LEU A 5 3.92 -6.14 -2.18
C LEU A 5 2.55 -5.90 -2.81
N ASN A 6 2.27 -4.64 -3.13
CA ASN A 6 1.00 -4.28 -3.74
C ASN A 6 -0.18 -4.73 -2.87
N SER A 7 0.09 -4.91 -1.58
CA SER A 7 -0.95 -5.34 -0.64
C SER A 7 -1.83 -4.17 -0.24
N HIS A 8 -3.15 -4.40 -0.29
CA HIS A 8 -4.11 -3.37 0.08
C HIS A 8 -3.95 -2.97 1.54
N CYS A 9 -3.64 -1.70 1.77
CA CYS A 9 -3.46 -1.20 3.13
C CYS A 9 -3.94 0.25 3.23
N TYR A 10 -4.53 0.59 4.38
CA TYR A 10 -5.04 1.94 4.60
C TYR A 10 -3.91 2.88 5.04
N ARG A 11 -4.12 4.17 4.80
CA ARG A 11 -3.12 5.18 5.17
C ARG A 11 -3.00 5.30 6.68
N GLN A 12 -3.87 4.60 7.39
CA GLN A 12 -3.86 4.64 8.85
C GLN A 12 -2.82 3.68 9.41
N HIS A 13 -2.99 2.39 9.15
CA HIS A 13 -2.06 1.38 9.63
C HIS A 13 -1.04 1.03 8.55
N ARG A 14 -0.24 0.00 8.81
CA ARG A 14 0.78 -0.43 7.86
C ARG A 14 1.31 -1.81 8.23
N GLU A 15 0.54 -2.85 7.92
CA GLU A 15 0.94 -4.22 8.22
C GLU A 15 1.77 -4.81 7.08
N CYS A 16 2.48 -3.95 6.37
CA CYS A 16 3.32 -4.38 5.26
C CYS A 16 4.59 -5.07 5.77
N CYS A 17 5.01 -6.11 5.06
CA CYS A 17 6.20 -6.86 5.44
C CYS A 17 7.41 -5.94 5.54
N HIS A 18 8.50 -6.46 6.08
CA HIS A 18 9.72 -5.68 6.24
C HIS A 18 10.30 -5.31 4.88
N GLY A 19 10.37 -4.00 4.61
CA GLY A 19 10.90 -3.53 3.34
C GLY A 19 9.88 -2.79 2.51
N LEU A 20 8.60 -3.06 2.78
CA LEU A 20 7.51 -2.41 2.06
C LEU A 20 6.90 -1.29 2.89
N VAL A 21 6.19 -0.38 2.22
CA VAL A 21 5.55 0.74 2.89
C VAL A 21 4.24 1.11 2.22
N CYS A 22 3.31 1.66 3.00
CA CYS A 22 2.01 2.06 2.48
C CYS A 22 2.12 3.33 1.63
N ARG A 23 1.90 3.18 0.33
CA ARG A 23 1.99 4.30 -0.59
C ARG A 23 0.96 4.16 -1.71
N ARG A 24 0.57 5.30 -2.30
CA ARG A 24 -0.40 5.30 -3.37
C ARG A 24 0.27 5.04 -4.72
N PRO A 25 -0.50 4.51 -5.67
CA PRO A 25 0.00 4.20 -7.02
C PRO A 25 0.31 5.46 -7.83
N ASN A 26 0.77 5.27 -9.06
CA ASN A 26 1.09 6.39 -9.94
C ASN A 26 -0.14 6.90 -10.67
N TYR A 27 -0.63 6.11 -11.62
CA TYR A 27 -1.81 6.48 -12.39
C TYR A 27 -3.09 6.07 -11.67
N GLY A 28 -3.73 7.03 -11.01
CA GLY A 28 -4.96 6.74 -10.29
C GLY A 28 -5.95 7.89 -10.36
N ASN A 29 -7.19 7.58 -10.71
CA ASN A 29 -8.24 8.59 -10.81
C ASN A 29 -8.88 8.84 -9.46
N GLY A 30 -9.91 9.68 -9.43
CA GLY A 30 -10.60 9.99 -8.20
C GLY A 30 -11.27 8.78 -7.59
N ARG A 31 -11.75 7.88 -8.43
CA ARG A 31 -12.42 6.67 -7.97
C ARG A 31 -11.41 5.57 -7.67
N GLY A 32 -11.67 4.81 -6.61
CA GLY A 32 -10.78 3.72 -6.24
C GLY A 32 -9.55 4.22 -5.49
N ILE A 33 -9.78 4.97 -4.42
CA ILE A 33 -8.68 5.52 -3.62
C ILE A 33 -8.20 4.49 -2.60
N LEU A 34 -7.14 3.77 -2.95
CA LEU A 34 -6.57 2.76 -2.06
C LEU A 34 -5.06 2.72 -2.19
N TRP A 35 -4.38 2.59 -1.06
CA TRP A 35 -2.91 2.54 -1.04
C TRP A 35 -2.42 1.09 -0.99
N LYS A 36 -1.28 0.84 -1.61
CA LYS A 36 -0.70 -0.50 -1.63
C LYS A 36 0.71 -0.50 -1.06
N CYS A 37 1.16 -1.65 -0.58
CA CYS A 37 2.50 -1.78 -0.01
C CYS A 37 3.56 -1.76 -1.11
N VAL A 38 4.30 -0.65 -1.19
CA VAL A 38 5.35 -0.51 -2.19
C VAL A 38 6.73 -0.77 -1.58
N ARG A 39 7.68 -1.15 -2.44
CA ARG A 39 9.04 -1.42 -2.00
C ARG A 39 9.77 -0.13 -1.66
N ALA A 40 9.76 0.24 -0.38
CA ALA A 40 10.44 1.46 0.07
C ALA A 40 11.94 1.36 -0.17
N GLY A 1 1.45 -12.75 9.96
CA GLY A 1 2.79 -12.23 9.74
C GLY A 1 2.78 -10.83 9.18
N CYS A 2 3.09 -10.70 7.90
CA CYS A 2 3.12 -9.40 7.25
C CYS A 2 2.44 -9.45 5.88
N LYS A 3 2.11 -8.29 5.33
CA LYS A 3 1.45 -8.21 4.04
C LYS A 3 2.48 -8.15 2.91
N ASN A 4 2.15 -8.75 1.78
CA ASN A 4 3.04 -8.77 0.62
C ASN A 4 2.93 -7.47 -0.17
N LEU A 5 3.59 -7.44 -1.33
CA LEU A 5 3.56 -6.25 -2.19
C LEU A 5 2.16 -6.03 -2.76
N ASN A 6 1.85 -4.78 -3.08
CA ASN A 6 0.55 -4.44 -3.65
C ASN A 6 -0.58 -4.89 -2.72
N SER A 7 -0.25 -5.05 -1.43
CA SER A 7 -1.24 -5.48 -0.45
C SER A 7 -2.13 -4.32 -0.03
N HIS A 8 -3.44 -4.51 -0.11
CA HIS A 8 -4.39 -3.48 0.26
C HIS A 8 -4.15 -3.00 1.69
N CYS A 9 -3.55 -1.82 1.82
CA CYS A 9 -3.26 -1.26 3.13
C CYS A 9 -3.52 0.25 3.15
N TYR A 10 -4.51 0.65 3.93
CA TYR A 10 -4.87 2.07 4.04
C TYR A 10 -3.76 2.86 4.73
N ARG A 11 -3.75 4.17 4.49
CA ARG A 11 -2.76 5.05 5.09
C ARG A 11 -2.94 5.13 6.60
N GLN A 12 -4.01 4.55 7.10
CA GLN A 12 -4.30 4.56 8.52
C GLN A 12 -3.40 3.59 9.28
N HIS A 13 -3.53 2.31 8.95
CA HIS A 13 -2.72 1.27 9.60
C HIS A 13 -1.46 0.98 8.78
N ARG A 14 -0.75 -0.08 9.16
CA ARG A 14 0.48 -0.46 8.47
C ARG A 14 1.03 -1.76 9.03
N GLU A 15 1.24 -2.73 8.13
CA GLU A 15 1.76 -4.03 8.54
C GLU A 15 2.44 -4.74 7.36
N CYS A 16 2.98 -3.95 6.44
CA CYS A 16 3.65 -4.50 5.27
C CYS A 16 4.96 -5.17 5.66
N CYS A 17 5.30 -6.24 4.93
CA CYS A 17 6.53 -6.97 5.21
C CYS A 17 7.74 -6.03 5.21
N HIS A 18 8.88 -6.55 5.66
CA HIS A 18 10.11 -5.75 5.72
C HIS A 18 10.56 -5.36 4.32
N GLY A 19 10.54 -4.05 4.03
CA GLY A 19 10.95 -3.57 2.72
C GLY A 19 9.84 -2.85 2.00
N LEU A 20 8.59 -3.16 2.36
CA LEU A 20 7.43 -2.53 1.74
C LEU A 20 6.85 -1.44 2.63
N VAL A 21 6.06 -0.55 2.03
CA VAL A 21 5.44 0.53 2.78
C VAL A 21 4.06 0.86 2.23
N CYS A 22 3.13 1.21 3.10
CA CYS A 22 1.77 1.55 2.71
C CYS A 22 1.73 2.92 2.05
N ARG A 23 1.58 2.94 0.73
CA ARG A 23 1.52 4.19 -0.02
C ARG A 23 0.59 4.06 -1.22
N ARG A 24 0.06 5.19 -1.68
CA ARG A 24 -0.85 5.21 -2.82
C ARG A 24 -0.08 4.99 -4.13
N PRO A 25 -0.78 4.46 -5.14
CA PRO A 25 -0.18 4.19 -6.45
C PRO A 25 0.13 5.48 -7.21
N ASN A 26 -0.84 6.38 -7.28
CA ASN A 26 -0.67 7.65 -7.98
C ASN A 26 -0.39 7.41 -9.47
N TYR A 27 -1.03 6.40 -10.03
CA TYR A 27 -0.86 6.08 -11.45
C TYR A 27 -1.77 6.92 -12.32
N GLY A 28 -3.00 7.13 -11.86
CA GLY A 28 -3.96 7.92 -12.61
C GLY A 28 -5.38 7.41 -12.47
N ASN A 29 -5.74 7.01 -11.25
CA ASN A 29 -7.07 6.50 -10.99
C ASN A 29 -8.07 7.64 -10.77
N GLY A 30 -9.35 7.31 -10.77
CA GLY A 30 -10.37 8.32 -10.57
C GLY A 30 -10.83 8.41 -9.13
N ARG A 31 -12.10 8.10 -8.89
CA ARG A 31 -12.66 8.14 -7.55
C ARG A 31 -12.34 6.87 -6.77
N GLY A 32 -11.72 7.02 -5.61
CA GLY A 32 -11.38 5.87 -4.80
C GLY A 32 -9.88 5.60 -4.78
N ILE A 33 -9.16 6.36 -3.96
CA ILE A 33 -7.71 6.20 -3.85
C ILE A 33 -7.35 5.06 -2.89
N LEU A 34 -6.99 3.92 -3.46
CA LEU A 34 -6.62 2.76 -2.65
C LEU A 34 -5.11 2.68 -2.47
N TRP A 35 -4.67 2.48 -1.23
CA TRP A 35 -3.26 2.38 -0.92
C TRP A 35 -2.79 0.93 -0.89
N LYS A 36 -1.57 0.69 -1.35
CA LYS A 36 -1.01 -0.66 -1.38
C LYS A 36 0.44 -0.65 -0.93
N CYS A 37 0.90 -1.79 -0.42
CA CYS A 37 2.28 -1.92 0.05
C CYS A 37 3.26 -1.87 -1.12
N VAL A 38 4.00 -0.77 -1.23
CA VAL A 38 4.97 -0.60 -2.30
C VAL A 38 6.39 -0.83 -1.79
N ARG A 39 7.29 -1.19 -2.70
CA ARG A 39 8.68 -1.43 -2.34
C ARG A 39 9.41 -0.11 -2.06
N ALA A 40 9.48 0.26 -0.78
CA ALA A 40 10.15 1.49 -0.38
C ALA A 40 11.63 1.44 -0.72
N GLY A 1 3.07 -11.43 11.48
CA GLY A 1 2.14 -11.41 10.37
C GLY A 1 2.16 -10.10 9.60
N CYS A 2 2.58 -10.17 8.34
CA CYS A 2 2.65 -8.98 7.50
C CYS A 2 2.14 -9.28 6.09
N LYS A 3 1.85 -8.23 5.34
CA LYS A 3 1.37 -8.37 3.97
C LYS A 3 2.51 -8.27 2.97
N ASN A 4 2.35 -8.91 1.82
CA ASN A 4 3.38 -8.90 0.78
C ASN A 4 3.26 -7.63 -0.07
N LEU A 5 3.99 -7.61 -1.17
CA LEU A 5 3.97 -6.46 -2.08
C LEU A 5 2.62 -6.32 -2.76
N ASN A 6 2.29 -5.11 -3.17
CA ASN A 6 1.01 -4.84 -3.84
C ASN A 6 -0.16 -5.30 -2.98
N SER A 7 0.07 -5.43 -1.68
CA SER A 7 -0.96 -5.86 -0.74
C SER A 7 -1.90 -4.71 -0.40
N HIS A 8 -3.19 -5.02 -0.30
CA HIS A 8 -4.20 -4.01 0.03
C HIS A 8 -3.97 -3.47 1.44
N CYS A 9 -3.67 -2.18 1.53
CA CYS A 9 -3.44 -1.54 2.82
C CYS A 9 -3.93 -0.09 2.80
N TYR A 10 -4.60 0.31 3.88
CA TYR A 10 -5.13 1.67 3.98
C TYR A 10 -4.04 2.64 4.41
N ARG A 11 -4.21 3.91 4.04
CA ARG A 11 -3.24 4.94 4.38
C ARG A 11 -3.19 5.17 5.89
N GLN A 12 -4.12 4.53 6.61
CA GLN A 12 -4.19 4.66 8.06
C GLN A 12 -3.11 3.82 8.74
N HIS A 13 -3.21 2.50 8.57
CA HIS A 13 -2.25 1.58 9.17
C HIS A 13 -1.17 1.21 8.16
N ARG A 14 -0.36 0.22 8.51
CA ARG A 14 0.73 -0.24 7.65
C ARG A 14 1.20 -1.63 8.06
N GLU A 15 0.42 -2.64 7.72
CA GLU A 15 0.76 -4.02 8.07
C GLU A 15 1.60 -4.66 6.96
N CYS A 16 2.40 -3.84 6.29
CA CYS A 16 3.25 -4.31 5.21
C CYS A 16 4.54 -4.91 5.77
N CYS A 17 5.00 -5.99 5.15
CA CYS A 17 6.21 -6.68 5.58
C CYS A 17 7.40 -5.71 5.60
N HIS A 18 8.52 -6.16 6.16
CA HIS A 18 9.71 -5.34 6.25
C HIS A 18 10.26 -5.01 4.85
N GLY A 19 10.37 -3.73 4.55
CA GLY A 19 10.87 -3.32 3.25
C GLY A 19 9.80 -2.64 2.41
N LEU A 20 8.54 -2.94 2.71
CA LEU A 20 7.42 -2.36 1.96
C LEU A 20 6.79 -1.22 2.74
N VAL A 21 6.04 -0.37 2.04
CA VAL A 21 5.37 0.76 2.66
C VAL A 21 4.02 1.04 2.00
N CYS A 22 3.06 1.47 2.81
CA CYS A 22 1.72 1.77 2.31
C CYS A 22 1.71 3.08 1.52
N ARG A 23 1.55 2.97 0.21
CA ARG A 23 1.52 4.14 -0.66
C ARG A 23 0.56 3.94 -1.82
N ARG A 24 0.01 5.04 -2.33
CA ARG A 24 -0.92 4.98 -3.44
C ARG A 24 -0.20 4.68 -4.76
N PRO A 25 -0.93 4.09 -5.71
CA PRO A 25 -0.37 3.74 -7.02
C PRO A 25 -0.08 4.97 -7.88
N ASN A 26 0.71 4.78 -8.94
CA ASN A 26 1.06 5.88 -9.83
C ASN A 26 -0.06 6.16 -10.82
N TYR A 27 -0.26 7.43 -11.14
CA TYR A 27 -1.30 7.83 -12.08
C TYR A 27 -2.66 7.31 -11.64
N GLY A 28 -3.24 7.97 -10.65
CA GLY A 28 -4.54 7.56 -10.14
C GLY A 28 -5.00 8.41 -8.97
N ASN A 29 -6.17 8.99 -9.09
CA ASN A 29 -6.73 9.83 -8.02
C ASN A 29 -8.21 10.09 -8.25
N GLY A 30 -9.01 9.92 -7.19
CA GLY A 30 -10.43 10.14 -7.29
C GLY A 30 -11.23 8.86 -7.11
N ARG A 31 -11.44 8.14 -8.20
CA ARG A 31 -12.19 6.89 -8.16
C ARG A 31 -11.29 5.72 -7.78
N GLY A 32 -11.68 4.99 -6.74
CA GLY A 32 -10.88 3.86 -6.29
C GLY A 32 -9.52 4.27 -5.79
N ILE A 33 -9.49 5.03 -4.70
CA ILE A 33 -8.23 5.48 -4.12
C ILE A 33 -7.73 4.51 -3.06
N LEU A 34 -7.36 3.31 -3.49
CA LEU A 34 -6.87 2.29 -2.58
C LEU A 34 -5.33 2.27 -2.57
N TRP A 35 -4.76 2.21 -1.37
CA TRP A 35 -3.31 2.18 -1.22
C TRP A 35 -2.79 0.75 -1.15
N LYS A 36 -1.60 0.51 -1.68
CA LYS A 36 -1.00 -0.81 -1.66
C LYS A 36 0.43 -0.76 -1.12
N CYS A 37 0.93 -1.90 -0.66
CA CYS A 37 2.28 -1.98 -0.13
C CYS A 37 3.32 -1.96 -1.25
N VAL A 38 4.08 -0.87 -1.32
CA VAL A 38 5.11 -0.73 -2.34
C VAL A 38 6.50 -0.94 -1.76
N ARG A 39 7.45 -1.32 -2.63
CA ARG A 39 8.82 -1.56 -2.19
C ARG A 39 9.55 -0.25 -1.95
N ALA A 40 9.56 0.19 -0.69
CA ALA A 40 10.23 1.43 -0.32
C ALA A 40 11.72 1.35 -0.58
N GLY A 1 -0.29 -12.71 9.26
CA GLY A 1 0.96 -12.49 8.57
C GLY A 1 0.98 -11.17 7.81
N CYS A 2 2.18 -10.61 7.65
CA CYS A 2 2.33 -9.34 6.94
C CYS A 2 1.82 -9.45 5.51
N LYS A 3 1.51 -8.32 4.90
CA LYS A 3 1.02 -8.28 3.53
C LYS A 3 2.17 -8.18 2.54
N ASN A 4 1.96 -8.69 1.33
CA ASN A 4 2.99 -8.65 0.30
C ASN A 4 2.98 -7.30 -0.42
N LEU A 5 3.71 -7.22 -1.53
CA LEU A 5 3.78 -5.99 -2.31
C LEU A 5 2.44 -5.67 -2.95
N ASN A 6 2.22 -4.39 -3.25
CA ASN A 6 0.98 -3.96 -3.88
C ASN A 6 -0.23 -4.41 -3.07
N SER A 7 -0.01 -4.67 -1.78
CA SER A 7 -1.07 -5.10 -0.89
C SER A 7 -1.93 -3.92 -0.45
N HIS A 8 -3.25 -4.08 -0.52
CA HIS A 8 -4.17 -3.04 -0.13
C HIS A 8 -4.02 -2.71 1.36
N CYS A 9 -3.60 -1.47 1.64
CA CYS A 9 -3.41 -1.03 3.02
C CYS A 9 -3.88 0.41 3.19
N TYR A 10 -4.45 0.69 4.36
CA TYR A 10 -4.95 2.04 4.65
C TYR A 10 -3.81 2.96 5.09
N ARG A 11 -4.00 4.25 4.88
CA ARG A 11 -2.99 5.24 5.25
C ARG A 11 -2.85 5.32 6.77
N GLN A 12 -3.72 4.63 7.48
CA GLN A 12 -3.69 4.63 8.94
C GLN A 12 -2.67 3.61 9.46
N HIS A 13 -2.91 2.34 9.18
CA HIS A 13 -2.02 1.28 9.62
C HIS A 13 -1.04 0.90 8.52
N ARG A 14 -0.12 0.00 8.84
CA ARG A 14 0.88 -0.45 7.87
C ARG A 14 1.35 -1.86 8.19
N GLU A 15 0.53 -2.85 7.86
CA GLU A 15 0.86 -4.25 8.13
C GLU A 15 1.64 -4.84 6.96
N CYS A 16 2.45 -4.01 6.30
CA CYS A 16 3.25 -4.45 5.17
C CYS A 16 4.49 -5.21 5.64
N CYS A 17 4.86 -6.25 4.90
CA CYS A 17 6.02 -7.05 5.24
C CYS A 17 7.27 -6.19 5.36
N HIS A 18 8.35 -6.78 5.86
CA HIS A 18 9.61 -6.06 6.01
C HIS A 18 10.18 -5.65 4.66
N GLY A 19 10.36 -4.35 4.47
CA GLY A 19 10.90 -3.86 3.21
C GLY A 19 9.89 -3.04 2.43
N LEU A 20 8.61 -3.27 2.70
CA LEU A 20 7.55 -2.56 2.01
C LEU A 20 6.98 -1.44 2.89
N VAL A 21 6.30 -0.48 2.27
CA VAL A 21 5.72 0.63 3.00
C VAL A 21 4.42 1.08 2.35
N CYS A 22 3.48 1.58 3.16
CA CYS A 22 2.20 2.05 2.66
C CYS A 22 2.35 3.38 1.93
N ARG A 23 2.15 3.34 0.62
CA ARG A 23 2.27 4.54 -0.21
C ARG A 23 1.27 4.51 -1.36
N ARG A 24 0.80 5.69 -1.76
CA ARG A 24 -0.16 5.79 -2.86
C ARG A 24 0.53 5.60 -4.20
N PRO A 25 -0.25 5.15 -5.20
CA PRO A 25 0.26 4.90 -6.55
C PRO A 25 0.62 6.20 -7.28
N ASN A 26 1.01 6.07 -8.54
CA ASN A 26 1.38 7.24 -9.35
C ASN A 26 0.14 7.89 -9.95
N TYR A 27 -0.49 7.20 -10.90
CA TYR A 27 -1.68 7.72 -11.56
C TYR A 27 -2.52 6.58 -12.14
N GLY A 28 -3.83 6.81 -12.22
CA GLY A 28 -4.72 5.80 -12.76
C GLY A 28 -6.18 6.20 -12.67
N ASN A 29 -7.04 5.24 -12.38
CA ASN A 29 -8.48 5.51 -12.27
C ASN A 29 -8.80 6.24 -10.97
N GLY A 30 -9.99 6.82 -10.90
CA GLY A 30 -10.40 7.54 -9.71
C GLY A 30 -11.42 6.77 -8.89
N ARG A 31 -12.16 7.49 -8.05
CA ARG A 31 -13.17 6.87 -7.20
C ARG A 31 -12.61 5.63 -6.50
N GLY A 32 -11.79 5.86 -5.49
CA GLY A 32 -11.21 4.75 -4.74
C GLY A 32 -9.84 5.09 -4.18
N ILE A 33 -9.83 5.79 -3.04
CA ILE A 33 -8.58 6.18 -2.40
C ILE A 33 -8.04 5.06 -1.52
N LEU A 34 -7.04 4.35 -2.01
CA LEU A 34 -6.43 3.24 -1.28
C LEU A 34 -4.93 3.18 -1.53
N TRP A 35 -4.16 2.97 -0.47
CA TRP A 35 -2.71 2.88 -0.58
C TRP A 35 -2.25 1.43 -0.66
N LYS A 36 -1.15 1.19 -1.36
CA LYS A 36 -0.61 -0.15 -1.52
C LYS A 36 0.81 -0.24 -0.97
N CYS A 37 1.21 -1.43 -0.56
CA CYS A 37 2.55 -1.65 -0.02
C CYS A 37 3.60 -1.60 -1.12
N VAL A 38 4.39 -0.53 -1.13
CA VAL A 38 5.43 -0.36 -2.13
C VAL A 38 6.81 -0.70 -1.55
N ARG A 39 7.74 -1.05 -2.43
CA ARG A 39 9.09 -1.41 -2.00
C ARG A 39 9.89 -0.16 -1.62
N ALA A 40 9.90 0.15 -0.33
CA ALA A 40 10.62 1.31 0.17
C ALA A 40 12.12 1.18 -0.09
N GLY A 1 0.11 -11.76 10.46
CA GLY A 1 1.48 -11.39 10.15
C GLY A 1 1.57 -10.11 9.35
N CYS A 2 2.10 -10.22 8.14
CA CYS A 2 2.26 -9.05 7.28
C CYS A 2 1.84 -9.36 5.85
N LYS A 3 1.56 -8.33 5.07
CA LYS A 3 1.15 -8.50 3.68
C LYS A 3 2.33 -8.36 2.74
N ASN A 4 2.22 -8.94 1.55
CA ASN A 4 3.28 -8.88 0.56
C ASN A 4 3.22 -7.58 -0.23
N LEU A 5 3.98 -7.51 -1.32
CA LEU A 5 4.01 -6.31 -2.16
C LEU A 5 2.68 -6.11 -2.87
N ASN A 6 2.41 -4.87 -3.26
CA ASN A 6 1.17 -4.54 -3.95
C ASN A 6 -0.05 -5.01 -3.15
N SER A 7 0.15 -5.18 -1.84
CA SER A 7 -0.92 -5.62 -0.96
C SER A 7 -1.81 -4.44 -0.55
N HIS A 8 -3.11 -4.69 -0.47
CA HIS A 8 -4.06 -3.65 -0.08
C HIS A 8 -3.83 -3.21 1.35
N CYS A 9 -3.42 -1.95 1.52
CA CYS A 9 -3.14 -1.40 2.84
C CYS A 9 -3.64 0.04 2.94
N TYR A 10 -4.24 0.38 4.08
CA TYR A 10 -4.76 1.73 4.30
C TYR A 10 -3.64 2.69 4.67
N ARG A 11 -3.82 3.95 4.29
CA ARG A 11 -2.82 4.98 4.57
C ARG A 11 -2.73 5.24 6.07
N GLN A 12 -3.62 4.63 6.83
CA GLN A 12 -3.64 4.80 8.29
C GLN A 12 -2.60 3.91 8.95
N HIS A 13 -2.77 2.60 8.82
CA HIS A 13 -1.84 1.65 9.42
C HIS A 13 -0.82 1.18 8.38
N ARG A 14 0.03 0.24 8.79
CA ARG A 14 1.06 -0.29 7.91
C ARG A 14 1.25 -1.79 8.12
N GLU A 15 0.36 -2.58 7.53
CA GLU A 15 0.42 -4.03 7.66
C GLU A 15 1.31 -4.63 6.57
N CYS A 16 2.24 -3.84 6.06
CA CYS A 16 3.15 -4.29 5.02
C CYS A 16 4.37 -4.98 5.63
N CYS A 17 4.80 -6.07 5.02
CA CYS A 17 5.95 -6.82 5.49
C CYS A 17 7.19 -5.92 5.58
N HIS A 18 8.27 -6.47 6.13
CA HIS A 18 9.51 -5.71 6.29
C HIS A 18 10.11 -5.37 4.92
N GLY A 19 10.32 -4.08 4.68
CA GLY A 19 10.89 -3.66 3.41
C GLY A 19 9.88 -2.90 2.56
N LEU A 20 8.60 -3.15 2.81
CA LEU A 20 7.55 -2.49 2.05
C LEU A 20 6.93 -1.35 2.85
N VAL A 21 6.25 -0.45 2.15
CA VAL A 21 5.61 0.70 2.80
C VAL A 21 4.29 1.05 2.12
N CYS A 22 3.33 1.51 2.91
CA CYS A 22 2.02 1.88 2.39
C CYS A 22 2.10 3.21 1.64
N ARG A 23 1.90 3.16 0.33
CA ARG A 23 1.94 4.36 -0.50
C ARG A 23 0.96 4.26 -1.66
N ARG A 24 0.43 5.40 -2.08
CA ARG A 24 -0.53 5.44 -3.18
C ARG A 24 0.17 5.27 -4.52
N PRO A 25 -0.56 4.77 -5.52
CA PRO A 25 -0.02 4.54 -6.86
C PRO A 25 0.26 5.85 -7.60
N ASN A 26 0.67 5.74 -8.85
CA ASN A 26 0.97 6.92 -9.67
C ASN A 26 -0.29 7.46 -10.32
N TYR A 27 -0.82 6.71 -11.28
CA TYR A 27 -2.03 7.11 -11.99
C TYR A 27 -3.28 6.77 -11.18
N GLY A 28 -3.97 7.81 -10.71
CA GLY A 28 -5.17 7.59 -9.93
C GLY A 28 -6.18 8.73 -10.08
N ASN A 29 -6.63 9.26 -8.96
CA ASN A 29 -7.59 10.36 -8.98
C ASN A 29 -8.81 10.00 -9.82
N GLY A 30 -9.22 8.73 -9.76
CA GLY A 30 -10.37 8.28 -10.52
C GLY A 30 -11.45 7.69 -9.65
N ARG A 31 -11.22 6.47 -9.16
CA ARG A 31 -12.18 5.79 -8.31
C ARG A 31 -11.51 4.71 -7.47
N GLY A 32 -11.90 4.61 -6.21
CA GLY A 32 -11.32 3.63 -5.32
C GLY A 32 -10.02 4.11 -4.68
N ILE A 33 -10.14 4.81 -3.56
CA ILE A 33 -8.98 5.34 -2.86
C ILE A 33 -8.38 4.28 -1.93
N LEU A 34 -7.34 3.60 -2.40
CA LEU A 34 -6.68 2.57 -1.62
C LEU A 34 -5.18 2.57 -1.88
N TRP A 35 -4.40 2.42 -0.81
CA TRP A 35 -2.94 2.40 -0.91
C TRP A 35 -2.43 0.97 -0.96
N LYS A 36 -1.29 0.78 -1.64
CA LYS A 36 -0.69 -0.54 -1.77
C LYS A 36 0.72 -0.55 -1.20
N CYS A 37 1.16 -1.72 -0.74
CA CYS A 37 2.49 -1.86 -0.16
C CYS A 37 3.57 -1.84 -1.24
N VAL A 38 4.36 -0.78 -1.27
CA VAL A 38 5.42 -0.65 -2.26
C VAL A 38 6.79 -0.94 -1.64
N ARG A 39 7.74 -1.33 -2.48
CA ARG A 39 9.08 -1.65 -2.02
C ARG A 39 9.86 -0.37 -1.71
N ALA A 40 9.86 0.02 -0.45
CA ALA A 40 10.58 1.23 -0.03
C ALA A 40 12.07 1.08 -0.24
N GLY A 1 1.55 -13.43 8.24
CA GLY A 1 0.96 -12.33 8.98
C GLY A 1 0.99 -11.03 8.20
N CYS A 2 2.18 -10.50 7.98
CA CYS A 2 2.35 -9.25 7.24
C CYS A 2 1.81 -9.38 5.83
N LYS A 3 1.62 -8.24 5.16
CA LYS A 3 1.11 -8.23 3.79
C LYS A 3 2.26 -8.15 2.79
N ASN A 4 2.06 -8.77 1.63
CA ASN A 4 3.08 -8.77 0.59
C ASN A 4 3.05 -7.48 -0.22
N LEU A 5 3.75 -7.46 -1.34
CA LEU A 5 3.80 -6.28 -2.19
C LEU A 5 2.43 -6.01 -2.82
N ASN A 6 2.18 -4.75 -3.15
CA ASN A 6 0.91 -4.35 -3.76
C ASN A 6 -0.26 -4.79 -2.89
N SER A 7 0.00 -4.96 -1.59
CA SER A 7 -1.04 -5.37 -0.65
C SER A 7 -1.91 -4.18 -0.26
N HIS A 8 -3.22 -4.39 -0.27
CA HIS A 8 -4.17 -3.34 0.09
C HIS A 8 -3.99 -2.93 1.55
N CYS A 9 -3.48 -1.73 1.77
CA CYS A 9 -3.25 -1.23 3.12
C CYS A 9 -3.70 0.23 3.23
N TYR A 10 -4.29 0.58 4.36
CA TYR A 10 -4.77 1.94 4.60
C TYR A 10 -3.59 2.87 4.90
N ARG A 11 -3.75 4.14 4.53
CA ARG A 11 -2.71 5.14 4.77
C ARG A 11 -2.55 5.41 6.27
N GLN A 12 -3.43 4.83 7.07
CA GLN A 12 -3.39 5.00 8.51
C GLN A 12 -2.33 4.10 9.13
N HIS A 13 -2.51 2.80 9.01
CA HIS A 13 -1.56 1.83 9.56
C HIS A 13 -0.56 1.39 8.49
N ARG A 14 0.20 0.33 8.80
CA ARG A 14 1.18 -0.19 7.88
C ARG A 14 1.59 -1.62 8.25
N GLU A 15 0.71 -2.56 7.96
CA GLU A 15 0.97 -3.97 8.27
C GLU A 15 1.72 -4.65 7.13
N CYS A 16 2.52 -3.87 6.41
CA CYS A 16 3.28 -4.40 5.29
C CYS A 16 4.52 -5.14 5.78
N CYS A 17 4.87 -6.22 5.08
CA CYS A 17 6.04 -7.02 5.44
C CYS A 17 7.29 -6.16 5.54
N HIS A 18 8.36 -6.74 6.07
CA HIS A 18 9.63 -6.02 6.21
C HIS A 18 10.21 -5.67 4.84
N GLY A 19 10.33 -4.38 4.57
CA GLY A 19 10.87 -3.93 3.30
C GLY A 19 9.88 -3.14 2.49
N LEU A 20 8.59 -3.36 2.76
CA LEU A 20 7.53 -2.66 2.04
C LEU A 20 6.95 -1.53 2.89
N VAL A 21 6.27 -0.60 2.23
CA VAL A 21 5.66 0.53 2.93
C VAL A 21 4.35 0.94 2.26
N CYS A 22 3.41 1.40 3.08
CA CYS A 22 2.11 1.84 2.58
C CYS A 22 2.20 3.17 1.87
N ARG A 23 2.01 3.16 0.56
CA ARG A 23 2.08 4.37 -0.25
C ARG A 23 1.08 4.32 -1.41
N ARG A 24 0.57 5.49 -1.78
CA ARG A 24 -0.40 5.57 -2.87
C ARG A 24 0.28 5.40 -4.22
N PRO A 25 -0.47 4.93 -5.22
CA PRO A 25 0.04 4.71 -6.57
C PRO A 25 0.35 6.02 -7.30
N ASN A 26 -0.61 6.94 -7.27
CA ASN A 26 -0.44 8.23 -7.93
C ASN A 26 -0.28 8.06 -9.44
N TYR A 27 -1.23 7.36 -10.05
CA TYR A 27 -1.20 7.13 -11.48
C TYR A 27 -2.54 6.63 -11.99
N GLY A 28 -3.32 7.54 -12.58
CA GLY A 28 -4.62 7.17 -13.11
C GLY A 28 -5.72 8.12 -12.65
N ASN A 29 -6.96 7.74 -12.88
CA ASN A 29 -8.10 8.58 -12.50
C ASN A 29 -9.35 7.73 -12.29
N GLY A 30 -10.25 8.20 -11.44
CA GLY A 30 -11.48 7.47 -11.17
C GLY A 30 -11.91 7.58 -9.73
N ARG A 31 -11.92 6.46 -9.02
CA ARG A 31 -12.32 6.43 -7.62
C ARG A 31 -11.63 5.28 -6.88
N GLY A 32 -11.89 5.19 -5.57
CA GLY A 32 -11.29 4.14 -4.78
C GLY A 32 -9.96 4.57 -4.18
N ILE A 33 -10.02 5.25 -3.03
CA ILE A 33 -8.83 5.71 -2.36
C ILE A 33 -8.24 4.63 -1.46
N LEU A 34 -7.23 3.92 -1.98
CA LEU A 34 -6.58 2.85 -1.22
C LEU A 34 -5.08 2.82 -1.50
N TRP A 35 -4.30 2.64 -0.45
CA TRP A 35 -2.85 2.58 -0.58
C TRP A 35 -2.36 1.14 -0.68
N LYS A 36 -1.26 0.92 -1.39
CA LYS A 36 -0.69 -0.41 -1.54
C LYS A 36 0.73 -0.46 -0.99
N CYS A 37 1.14 -1.65 -0.56
CA CYS A 37 2.48 -1.84 -0.02
C CYS A 37 3.53 -1.84 -1.13
N VAL A 38 4.35 -0.80 -1.15
CA VAL A 38 5.41 -0.68 -2.16
C VAL A 38 6.78 -0.99 -1.56
N ARG A 39 7.71 -1.39 -2.42
CA ARG A 39 9.05 -1.72 -1.98
C ARG A 39 9.85 -0.46 -1.66
N ALA A 40 9.86 -0.10 -0.38
CA ALA A 40 10.59 1.09 0.06
C ALA A 40 12.08 0.95 -0.19
#